data_5F5F
#
_entry.id   5F5F
#
_cell.length_a   72.900
_cell.length_b   89.300
_cell.length_c   144.700
_cell.angle_alpha   90.00
_cell.angle_beta   90.00
_cell.angle_gamma   90.00
#
_symmetry.space_group_name_H-M   'P 21 21 21'
#
loop_
_entity.id
_entity.type
_entity.pdbx_description
1 polymer Roquin-1
2 polymer "RNA (5'-R(P*UP*GP*AP*CP*UP*GP*CP*GP*UP*UP*UP*UP*AP*GP*GP*AP*GP*UP*UP*A)-3')"
3 water water
#
loop_
_entity_poly.entity_id
_entity_poly.type
_entity_poly.pdbx_seq_one_letter_code
_entity_poly.pdbx_strand_id
1 'polypeptide(L)'
;LQHQNPQQLSSNLWAAVRARGCQFLGPAMQEEALKLVLLALEDGSALSRKVLVLFVVQRLEPRFPQASKTSIGHVVQLLY
RASCFKVTKRDEDSSLMQLKEEFRTYEALRREHDSQIVQIAMEAGLRIAPDQWSSLLYGDQSHKSHMQSIIDKLQTPASF
AQSVQELTIALQRTGDPANLNRLRPHLELL
;
A,C,E,G
2 'polyribonucleotide' UGACUGCGUUUUAGGAGUUA B,D,F,H
#
# COMPACT_ATOMS: atom_id res chain seq x y z
N ASN A 5 -28.03 -11.41 6.17
CA ASN A 5 -28.34 -10.84 4.81
C ASN A 5 -28.41 -11.93 3.70
N PRO A 6 -29.34 -11.82 2.70
CA PRO A 6 -29.71 -13.00 1.89
C PRO A 6 -28.61 -13.82 1.12
N GLN A 7 -27.59 -13.20 0.51
CA GLN A 7 -26.37 -13.94 0.02
C GLN A 7 -25.06 -13.49 0.69
N GLN A 8 -25.15 -12.89 1.85
CA GLN A 8 -24.02 -12.38 2.53
C GLN A 8 -23.77 -13.12 3.85
N LEU A 9 -24.82 -13.70 4.44
CA LEU A 9 -24.61 -14.81 5.40
C LEU A 9 -23.87 -15.88 4.62
N SER A 10 -24.19 -16.09 3.34
CA SER A 10 -23.52 -17.13 2.58
C SER A 10 -22.00 -16.86 2.36
N SER A 11 -21.64 -15.65 1.95
CA SER A 11 -20.21 -15.35 1.74
C SER A 11 -19.41 -15.23 3.07
N ASN A 12 -20.07 -14.89 4.17
CA ASN A 12 -19.42 -14.91 5.47
C ASN A 12 -19.16 -16.28 5.98
N LEU A 13 -19.98 -17.23 5.58
CA LEU A 13 -19.76 -18.64 5.91
C LEU A 13 -18.49 -19.12 5.25
N TRP A 14 -18.38 -18.85 3.95
CA TRP A 14 -17.23 -19.34 3.23
C TRP A 14 -15.98 -18.59 3.62
N ALA A 15 -16.10 -17.33 3.98
CA ALA A 15 -15.01 -16.65 4.62
C ALA A 15 -14.54 -17.40 5.87
N ALA A 16 -15.45 -17.68 6.77
CA ALA A 16 -15.09 -18.39 8.01
C ALA A 16 -14.47 -19.74 7.75
N VAL A 17 -14.97 -20.40 6.71
CA VAL A 17 -14.44 -21.67 6.29
C VAL A 17 -13.03 -21.54 5.73
N ARG A 18 -12.80 -20.60 4.82
CA ARG A 18 -11.48 -20.42 4.21
C ARG A 18 -10.47 -20.08 5.30
N ALA A 19 -10.86 -19.25 6.25
CA ALA A 19 -10.01 -18.86 7.37
C ALA A 19 -9.54 -19.98 8.16
N ARG A 20 -10.27 -21.09 8.17
CA ARG A 20 -9.85 -22.29 8.91
C ARG A 20 -9.14 -23.31 8.04
N GLY A 21 -8.55 -22.83 6.96
CA GLY A 21 -7.80 -23.68 6.07
C GLY A 21 -8.57 -24.82 5.44
N CYS A 22 -9.88 -24.62 5.33
CA CYS A 22 -10.79 -25.55 4.73
C CYS A 22 -11.47 -24.95 3.49
N GLN A 23 -12.27 -25.75 2.78
CA GLN A 23 -12.95 -25.26 1.57
C GLN A 23 -14.11 -26.09 1.07
N PHE A 24 -15.08 -25.45 0.44
CA PHE A 24 -16.23 -26.11 -0.12
C PHE A 24 -16.27 -25.70 -1.55
N LEU A 25 -16.34 -26.68 -2.42
CA LEU A 25 -16.25 -26.45 -3.85
C LEU A 25 -17.59 -26.46 -4.54
N GLY A 26 -18.66 -26.31 -3.80
CA GLY A 26 -20.02 -26.44 -4.36
C GLY A 26 -20.54 -27.85 -4.27
N PRO A 27 -21.88 -28.02 -4.21
CA PRO A 27 -22.53 -29.31 -3.99
C PRO A 27 -22.02 -30.41 -4.86
N ALA A 28 -21.93 -30.16 -6.14
CA ALA A 28 -21.60 -31.24 -7.07
C ALA A 28 -20.16 -31.69 -6.92
N MET A 29 -19.27 -30.73 -6.83
CA MET A 29 -17.87 -31.02 -6.92
C MET A 29 -17.34 -31.56 -5.58
N GLN A 30 -17.87 -31.00 -4.50
CA GLN A 30 -17.56 -31.53 -3.19
C GLN A 30 -17.98 -32.97 -3.09
N GLU A 31 -19.11 -33.32 -3.67
CA GLU A 31 -19.60 -34.67 -3.60
C GLU A 31 -18.63 -35.62 -4.27
N GLU A 32 -18.16 -35.31 -5.44
CA GLU A 32 -17.22 -36.22 -6.14
C GLU A 32 -15.95 -36.35 -5.33
N ALA A 33 -15.47 -35.22 -4.84
CA ALA A 33 -14.23 -35.18 -4.10
C ALA A 33 -14.29 -36.10 -2.91
N LEU A 34 -15.39 -36.03 -2.16
CA LEU A 34 -15.56 -36.93 -1.01
C LEU A 34 -15.65 -38.39 -1.45
N LYS A 35 -16.39 -38.65 -2.53
CA LYS A 35 -16.50 -40.01 -2.99
C LYS A 35 -15.17 -40.54 -3.37
N LEU A 36 -14.31 -39.68 -3.87
CA LEU A 36 -12.96 -40.09 -4.27
C LEU A 36 -12.11 -40.39 -3.13
N VAL A 37 -12.29 -39.65 -2.05
CA VAL A 37 -11.51 -39.91 -0.84
C VAL A 37 -11.86 -41.30 -0.36
N LEU A 38 -13.15 -41.54 -0.23
CA LEU A 38 -13.69 -42.86 0.10
C LEU A 38 -13.20 -43.99 -0.77
N LEU A 39 -13.10 -43.73 -2.07
CA LEU A 39 -12.62 -44.72 -3.01
C LEU A 39 -11.20 -45.17 -2.62
N ALA A 40 -10.36 -44.17 -2.33
CA ALA A 40 -8.97 -44.43 -1.93
C ALA A 40 -8.84 -45.08 -0.57
N LEU A 41 -9.65 -44.64 0.39
CA LEU A 41 -9.47 -45.03 1.78
C LEU A 41 -10.36 -46.12 2.43
N GLU A 42 -11.45 -46.50 1.75
CA GLU A 42 -12.49 -47.38 2.30
C GLU A 42 -12.05 -48.81 2.46
N ASP A 43 -11.09 -49.27 1.67
CA ASP A 43 -10.53 -50.61 1.88
C ASP A 43 -9.36 -50.61 2.89
N GLY A 44 -9.19 -49.54 3.64
CA GLY A 44 -8.20 -49.49 4.68
C GLY A 44 -6.80 -49.18 4.21
N SER A 45 -6.64 -48.80 2.97
CA SER A 45 -5.34 -48.28 2.55
C SER A 45 -4.92 -47.05 3.35
N ALA A 46 -3.62 -46.86 3.45
CA ALA A 46 -3.03 -45.81 4.31
C ALA A 46 -2.12 -44.92 3.52
N LEU A 47 -2.56 -43.69 3.29
CA LEU A 47 -1.90 -42.80 2.36
C LEU A 47 -1.45 -41.57 3.06
N SER A 48 -0.27 -41.07 2.76
CA SER A 48 0.07 -39.73 3.18
C SER A 48 -0.94 -38.78 2.57
N ARG A 49 -1.08 -37.64 3.18
CA ARG A 49 -1.98 -36.62 2.71
C ARG A 49 -1.61 -36.28 1.29
N LYS A 50 -0.32 -36.26 0.99
CA LYS A 50 0.17 -35.82 -0.32
C LYS A 50 -0.36 -36.70 -1.43
N VAL A 51 -0.28 -37.99 -1.16
CA VAL A 51 -0.75 -39.02 -2.07
C VAL A 51 -2.29 -39.07 -2.18
N LEU A 52 -2.95 -38.91 -1.05
CA LEU A 52 -4.39 -38.84 -1.05
C LEU A 52 -4.86 -37.67 -1.91
N VAL A 53 -4.23 -36.54 -1.74
CA VAL A 53 -4.65 -35.40 -2.52
C VAL A 53 -4.43 -35.62 -4.02
N LEU A 54 -3.24 -36.13 -4.35
CA LEU A 54 -2.92 -36.52 -5.73
C LEU A 54 -4.03 -37.40 -6.29
N PHE A 55 -4.41 -38.44 -5.55
CA PHE A 55 -5.42 -39.41 -6.02
C PHE A 55 -6.69 -38.77 -6.52
N VAL A 56 -7.17 -37.83 -5.71
CA VAL A 56 -8.43 -37.06 -5.95
C VAL A 56 -8.27 -36.06 -7.11
N VAL A 57 -7.26 -35.21 -6.98
CA VAL A 57 -6.91 -34.24 -8.01
C VAL A 57 -6.78 -34.86 -9.41
N GLN A 58 -6.06 -35.96 -9.52
CA GLN A 58 -5.80 -36.56 -10.82
C GLN A 58 -7.03 -36.98 -11.57
N ARG A 59 -8.06 -37.38 -10.84
CA ARG A 59 -9.31 -37.77 -11.45
C ARG A 59 -10.29 -36.64 -11.63
N LEU A 60 -10.14 -35.62 -10.83
CA LEU A 60 -11.11 -34.55 -10.74
C LEU A 60 -10.75 -33.40 -11.63
N GLU A 61 -9.48 -33.05 -11.65
CA GLU A 61 -8.94 -31.96 -12.47
C GLU A 61 -9.39 -31.96 -13.93
N PRO A 62 -9.38 -33.12 -14.60
CA PRO A 62 -9.81 -33.11 -15.99
C PRO A 62 -11.27 -32.71 -16.18
N ARG A 63 -12.14 -32.95 -15.21
CA ARG A 63 -13.57 -32.54 -15.22
C ARG A 63 -13.88 -31.20 -14.50
N PHE A 64 -13.00 -30.77 -13.62
CA PHE A 64 -13.17 -29.50 -12.93
C PHE A 64 -11.87 -28.77 -12.75
N PRO A 65 -11.58 -27.79 -13.57
CA PRO A 65 -10.22 -27.19 -13.54
C PRO A 65 -9.90 -26.35 -12.31
N GLN A 66 -10.92 -25.93 -11.63
CA GLN A 66 -10.75 -25.39 -10.29
C GLN A 66 -10.09 -26.35 -9.24
N ALA A 67 -9.88 -27.64 -9.60
CA ALA A 67 -9.39 -28.64 -8.65
C ALA A 67 -7.88 -28.75 -8.61
N SER A 68 -7.27 -28.01 -7.71
CA SER A 68 -5.87 -28.02 -7.47
C SER A 68 -5.52 -28.86 -6.28
N LYS A 69 -4.24 -29.10 -6.15
CA LYS A 69 -3.71 -29.74 -4.92
C LYS A 69 -4.01 -28.88 -3.76
N THR A 70 -3.96 -27.58 -3.96
CA THR A 70 -4.26 -26.67 -2.88
C THR A 70 -5.69 -26.77 -2.42
N SER A 71 -6.60 -26.72 -3.38
CA SER A 71 -8.03 -26.70 -3.03
C SER A 71 -8.53 -28.03 -2.45
N ILE A 72 -8.07 -29.13 -3.04
CA ILE A 72 -8.39 -30.45 -2.50
C ILE A 72 -7.76 -30.67 -1.16
N GLY A 73 -6.55 -30.15 -0.97
CA GLY A 73 -5.93 -30.14 0.34
C GLY A 73 -6.81 -29.52 1.38
N HIS A 74 -7.47 -28.43 1.02
CA HIS A 74 -8.40 -27.78 1.95
C HIS A 74 -9.67 -28.57 2.23
N VAL A 75 -10.15 -29.30 1.26
CA VAL A 75 -11.28 -30.18 1.49
C VAL A 75 -10.91 -31.28 2.50
N VAL A 76 -9.70 -31.80 2.38
CA VAL A 76 -9.23 -32.87 3.28
C VAL A 76 -9.05 -32.35 4.70
N GLN A 77 -8.65 -31.11 4.85
CA GLN A 77 -8.56 -30.54 6.17
C GLN A 77 -9.90 -30.47 6.91
N LEU A 78 -10.95 -30.24 6.16
CA LEU A 78 -12.28 -30.29 6.70
C LEU A 78 -12.48 -31.59 7.43
N LEU A 79 -12.03 -32.69 6.82
CA LEU A 79 -12.15 -34.00 7.45
C LEU A 79 -11.14 -34.24 8.52
N TYR A 80 -10.00 -33.56 8.44
CA TYR A 80 -9.00 -33.62 9.52
C TYR A 80 -9.58 -32.97 10.76
N ARG A 81 -10.19 -31.80 10.60
CA ARG A 81 -10.82 -31.10 11.73
C ARG A 81 -11.93 -31.90 12.30
N ALA A 82 -12.69 -32.54 11.43
CA ALA A 82 -13.75 -33.46 11.85
C ALA A 82 -13.33 -34.77 12.54
N SER A 83 -12.02 -35.03 12.57
CA SER A 83 -11.43 -36.14 13.24
C SER A 83 -11.79 -37.47 12.58
N CYS A 84 -11.89 -37.47 11.24
CA CYS A 84 -12.31 -38.65 10.50
C CYS A 84 -11.20 -39.73 10.26
N PHE A 85 -9.93 -39.35 10.41
CA PHE A 85 -8.84 -40.23 10.08
C PHE A 85 -8.22 -40.89 11.30
N LYS A 86 -7.64 -42.07 11.10
CA LYS A 86 -6.69 -42.62 12.01
C LYS A 86 -5.32 -42.21 11.47
N VAL A 87 -4.57 -41.50 12.28
CA VAL A 87 -3.25 -40.98 11.86
C VAL A 87 -2.14 -41.87 12.40
N THR A 88 -1.12 -42.12 11.59
CA THR A 88 0.03 -42.89 12.02
C THR A 88 1.17 -42.01 11.73
N LYS A 89 1.81 -41.49 12.77
CA LYS A 89 2.99 -40.66 12.56
C LYS A 89 4.17 -41.55 12.34
N ARG A 90 5.13 -41.04 11.56
CA ARG A 90 6.35 -41.76 11.30
C ARG A 90 7.47 -40.80 11.58
N ASP A 91 8.58 -41.33 12.06
CA ASP A 91 9.75 -40.48 12.33
C ASP A 91 10.43 -40.05 11.05
N GLU A 92 10.85 -38.77 11.06
CA GLU A 92 11.57 -38.13 9.95
C GLU A 92 10.80 -38.18 8.61
N ASP A 93 9.48 -38.31 8.69
CA ASP A 93 8.65 -38.52 7.50
C ASP A 93 7.22 -38.09 7.81
N SER A 94 6.41 -38.07 6.78
CA SER A 94 5.03 -37.70 6.92
C SER A 94 4.10 -38.77 7.40
N SER A 95 3.05 -38.34 8.08
CA SER A 95 2.07 -39.24 8.61
C SER A 95 1.36 -39.90 7.45
N LEU A 96 0.97 -41.14 7.69
CA LEU A 96 0.02 -41.80 6.83
C LEU A 96 -1.31 -41.62 7.46
N MET A 97 -2.37 -41.60 6.67
CA MET A 97 -3.71 -41.56 7.25
C MET A 97 -4.66 -42.53 6.58
N GLN A 98 -5.53 -43.11 7.40
CA GLN A 98 -6.63 -44.00 7.00
C GLN A 98 -7.95 -43.42 7.53
N LEU A 99 -9.07 -43.84 6.94
CA LEU A 99 -10.35 -43.51 7.51
C LEU A 99 -10.65 -44.38 8.69
N LYS A 100 -11.04 -43.77 9.78
CA LYS A 100 -11.67 -44.56 10.85
C LYS A 100 -12.82 -45.42 10.31
N GLU A 101 -13.02 -46.60 10.88
CA GLU A 101 -13.94 -47.59 10.29
C GLU A 101 -15.35 -47.14 10.27
N GLU A 102 -15.72 -46.40 11.29
CA GLU A 102 -17.04 -45.79 11.31
C GLU A 102 -17.32 -44.76 10.20
N PHE A 103 -16.32 -44.38 9.43
CA PHE A 103 -16.48 -43.37 8.40
C PHE A 103 -16.19 -43.88 7.01
N ARG A 104 -16.41 -45.16 6.78
CA ARG A 104 -16.09 -45.74 5.48
C ARG A 104 -17.30 -45.97 4.61
N THR A 105 -18.32 -45.15 4.81
CA THR A 105 -19.45 -45.09 3.91
C THR A 105 -19.71 -43.62 3.63
N TYR A 106 -20.18 -43.30 2.42
CA TYR A 106 -20.37 -41.88 2.03
C TYR A 106 -21.30 -41.21 3.04
N GLU A 107 -22.40 -41.87 3.35
CA GLU A 107 -23.44 -41.35 4.26
C GLU A 107 -22.80 -40.87 5.53
N ALA A 108 -21.98 -41.76 6.10
CA ALA A 108 -21.37 -41.52 7.41
C ALA A 108 -20.34 -40.36 7.38
N LEU A 109 -19.49 -40.42 6.35
CA LEU A 109 -18.45 -39.48 6.13
C LEU A 109 -19.03 -38.11 5.87
N ARG A 110 -20.10 -38.08 5.12
CA ARG A 110 -20.67 -36.80 4.72
C ARG A 110 -21.37 -36.12 5.90
N ARG A 111 -21.91 -36.93 6.81
CA ARG A 111 -22.53 -36.41 8.02
C ARG A 111 -21.51 -35.60 8.80
N GLU A 112 -20.30 -36.13 8.88
CA GLU A 112 -19.25 -35.54 9.69
C GLU A 112 -18.69 -34.30 9.04
N HIS A 113 -18.49 -34.41 7.75
CA HIS A 113 -18.12 -33.28 6.93
C HIS A 113 -19.04 -32.13 7.17
N ASP A 114 -20.33 -32.43 7.01
CA ASP A 114 -21.37 -31.42 7.10
C ASP A 114 -21.35 -30.79 8.48
N SER A 115 -21.20 -31.64 9.49
CA SER A 115 -21.21 -31.20 10.83
C SER A 115 -20.11 -30.24 11.08
N GLN A 116 -18.95 -30.54 10.52
CA GLN A 116 -17.83 -29.70 10.76
C GLN A 116 -18.06 -28.30 10.23
N ILE A 117 -18.71 -28.18 9.07
CA ILE A 117 -18.99 -26.85 8.53
C ILE A 117 -19.96 -26.12 9.45
N VAL A 118 -21.00 -26.79 9.86
CA VAL A 118 -21.98 -26.19 10.78
C VAL A 118 -21.25 -25.63 11.99
N GLN A 119 -20.30 -26.42 12.51
CA GLN A 119 -19.61 -26.09 13.71
C GLN A 119 -18.74 -24.84 13.56
N ILE A 120 -18.18 -24.70 12.37
CA ILE A 120 -17.41 -23.52 12.01
C ILE A 120 -18.33 -22.31 11.99
N ALA A 121 -19.49 -22.47 11.38
CA ALA A 121 -20.47 -21.42 11.37
C ALA A 121 -20.82 -21.02 12.79
N MET A 122 -20.98 -21.99 13.68
CA MET A 122 -21.31 -21.71 15.06
C MET A 122 -20.19 -20.99 15.71
N GLU A 123 -18.96 -21.48 15.57
CA GLU A 123 -17.80 -20.80 16.14
C GLU A 123 -17.74 -19.35 15.70
N ALA A 124 -18.10 -19.08 14.46
CA ALA A 124 -18.13 -17.72 13.94
C ALA A 124 -19.45 -16.93 14.18
N GLY A 125 -20.39 -17.49 14.99
CA GLY A 125 -21.63 -16.83 15.34
C GLY A 125 -22.55 -16.49 14.17
N LEU A 126 -22.80 -17.48 13.33
CA LEU A 126 -23.61 -17.31 12.15
C LEU A 126 -24.80 -18.21 12.28
N ARG A 127 -25.96 -17.62 12.56
CA ARG A 127 -27.21 -18.36 12.71
C ARG A 127 -27.77 -18.56 11.31
N ILE A 128 -27.93 -19.83 10.93
CA ILE A 128 -28.34 -20.23 9.60
C ILE A 128 -29.33 -21.36 9.78
N ALA A 129 -30.47 -21.27 9.13
CA ALA A 129 -31.49 -22.30 9.25
C ALA A 129 -31.30 -23.54 8.34
N PRO A 130 -31.94 -24.67 8.67
CA PRO A 130 -31.85 -25.87 7.83
C PRO A 130 -32.26 -25.70 6.40
N ASP A 131 -33.29 -24.90 6.09
CA ASP A 131 -33.60 -24.66 4.68
C ASP A 131 -32.38 -24.12 3.96
N GLN A 132 -31.76 -23.11 4.55
CA GLN A 132 -30.56 -22.52 3.98
C GLN A 132 -29.46 -23.54 3.85
N TRP A 133 -29.21 -24.25 4.94
CA TRP A 133 -28.12 -25.25 4.97
C TRP A 133 -28.25 -26.24 3.82
N SER A 134 -29.46 -26.79 3.62
CA SER A 134 -29.73 -27.72 2.53
C SER A 134 -29.45 -27.07 1.16
N SER A 135 -29.76 -25.79 1.01
CA SER A 135 -29.41 -25.14 -0.23
C SER A 135 -27.91 -25.06 -0.39
N LEU A 136 -27.22 -24.51 0.59
CA LEU A 136 -25.76 -24.31 0.50
C LEU A 136 -24.97 -25.56 0.15
N LEU A 137 -25.26 -26.62 0.88
CA LEU A 137 -24.50 -27.83 0.81
C LEU A 137 -25.01 -28.85 -0.20
N TYR A 138 -26.27 -28.78 -0.56
CA TYR A 138 -26.80 -29.73 -1.55
C TYR A 138 -27.45 -29.08 -2.79
N GLY A 139 -27.70 -27.77 -2.74
CA GLY A 139 -28.47 -27.08 -3.79
C GLY A 139 -29.92 -27.50 -3.96
N ASP A 140 -30.54 -28.02 -2.92
CA ASP A 140 -31.92 -28.47 -3.00
C ASP A 140 -32.51 -28.36 -1.62
N GLN A 141 -33.75 -28.76 -1.48
CA GLN A 141 -34.43 -28.71 -0.18
C GLN A 141 -34.68 -30.08 0.37
N SER A 142 -33.82 -31.01 -0.01
CA SER A 142 -34.05 -32.43 0.25
C SER A 142 -33.31 -32.90 1.46
N HIS A 143 -32.51 -32.01 2.05
CA HIS A 143 -31.66 -32.37 3.16
C HIS A 143 -31.92 -31.46 4.32
N LYS A 144 -33.12 -30.86 4.41
CA LYS A 144 -33.42 -29.99 5.52
C LYS A 144 -33.29 -30.76 6.80
N SER A 145 -33.95 -31.91 6.89
CA SER A 145 -34.06 -32.59 8.16
C SER A 145 -32.76 -33.30 8.55
N HIS A 146 -32.03 -33.76 7.56
CA HIS A 146 -30.62 -34.12 7.77
C HIS A 146 -29.82 -33.03 8.50
N MET A 147 -29.91 -31.81 8.00
CA MET A 147 -29.18 -30.68 8.54
C MET A 147 -29.71 -30.27 9.91
N GLN A 148 -31.02 -30.31 10.07
CA GLN A 148 -31.67 -30.06 11.38
C GLN A 148 -31.14 -30.97 12.46
N SER A 149 -31.08 -32.26 12.12
CA SER A 149 -30.50 -33.25 13.01
C SER A 149 -29.06 -32.95 13.41
N ILE A 150 -28.25 -32.55 12.44
CA ILE A 150 -26.88 -32.15 12.72
C ILE A 150 -26.84 -31.00 13.73
N ILE A 151 -27.69 -30.01 13.49
CA ILE A 151 -27.69 -28.82 14.30
C ILE A 151 -28.07 -29.16 15.74
N ASP A 152 -29.14 -29.91 15.89
CA ASP A 152 -29.62 -30.27 17.23
C ASP A 152 -28.57 -31.07 17.99
N LYS A 153 -27.89 -31.99 17.33
CA LYS A 153 -26.89 -32.76 18.04
C LYS A 153 -25.75 -31.88 18.56
N LEU A 154 -25.46 -30.79 17.85
CA LEU A 154 -24.33 -29.95 18.18
C LEU A 154 -24.49 -29.01 19.36
N GLN A 155 -25.70 -28.83 19.91
CA GLN A 155 -25.93 -27.81 21.00
C GLN A 155 -26.30 -28.37 22.34
N THR A 156 -27.03 -29.50 22.27
CA THR A 156 -27.24 -30.52 23.34
C THR A 156 -27.32 -30.00 24.84
N ASN C 5 24.87 2.51 -7.84
CA ASN C 5 25.95 2.16 -6.87
C ASN C 5 26.15 3.15 -5.75
N PRO C 6 26.40 4.47 -6.04
CA PRO C 6 26.48 5.48 -4.96
C PRO C 6 25.30 5.50 -3.95
N GLN C 7 24.05 5.29 -4.37
CA GLN C 7 22.90 5.19 -3.43
C GLN C 7 22.55 3.72 -3.21
N GLN C 8 23.56 2.84 -3.37
CA GLN C 8 23.42 1.47 -2.88
C GLN C 8 24.13 0.85 -1.66
N LEU C 9 25.45 1.03 -1.53
CA LEU C 9 26.08 0.91 -0.21
C LEU C 9 25.41 1.95 0.65
N SER C 10 25.09 3.10 0.09
CA SER C 10 24.43 4.10 0.90
C SER C 10 23.02 3.66 1.40
N SER C 11 22.18 3.13 0.54
CA SER C 11 20.83 2.78 0.96
C SER C 11 20.81 1.52 1.84
N ASN C 12 21.79 0.66 1.70
CA ASN C 12 21.91 -0.46 2.60
C ASN C 12 22.33 -0.08 3.97
N LEU C 13 23.07 1.02 4.08
CA LEU C 13 23.46 1.56 5.38
C LEU C 13 22.21 1.95 6.09
N TRP C 14 21.40 2.74 5.41
CA TRP C 14 20.28 3.33 6.09
C TRP C 14 19.28 2.26 6.35
N ALA C 15 19.22 1.24 5.51
CA ALA C 15 18.43 0.07 5.82
C ALA C 15 18.89 -0.53 7.16
N ALA C 16 20.18 -0.79 7.29
CA ALA C 16 20.71 -1.38 8.51
C ALA C 16 20.46 -0.50 9.72
N VAL C 17 20.51 0.82 9.51
CA VAL C 17 20.22 1.75 10.56
C VAL C 17 18.76 1.72 10.97
N ARG C 18 17.84 1.78 10.00
CA ARG C 18 16.39 1.80 10.30
C ARG C 18 16.01 0.54 11.02
N ALA C 19 16.57 -0.57 10.58
CA ALA C 19 16.37 -1.86 11.22
C ALA C 19 16.73 -1.90 12.70
N ARG C 20 17.69 -1.09 13.13
CA ARG C 20 18.02 -1.02 14.54
C ARG C 20 17.27 0.11 15.27
N GLY C 21 16.11 0.51 14.76
CA GLY C 21 15.26 1.49 15.41
C GLY C 21 15.88 2.86 15.55
N CYS C 22 16.85 3.15 14.68
CA CYS C 22 17.57 4.39 14.68
C CYS C 22 17.32 5.14 13.38
N GLN C 23 17.84 6.37 13.30
CA GLN C 23 17.65 7.16 12.07
C GLN C 23 18.60 8.32 11.86
N PHE C 24 18.90 8.62 10.59
CA PHE C 24 19.72 9.77 10.24
C PHE C 24 18.91 10.65 9.33
N LEU C 25 18.84 11.93 9.63
CA LEU C 25 17.96 12.84 8.91
C LEU C 25 18.70 13.70 7.93
N GLY C 26 19.91 13.32 7.60
CA GLY C 26 20.77 14.15 6.81
C GLY C 26 21.67 15.05 7.65
N PRO C 27 22.81 15.49 7.08
CA PRO C 27 23.81 16.30 7.77
C PRO C 27 23.28 17.49 8.48
N ALA C 28 22.48 18.29 7.81
CA ALA C 28 22.06 19.53 8.40
C ALA C 28 21.08 19.37 9.53
N MET C 29 20.13 18.49 9.32
CA MET C 29 19.01 18.39 10.22
C MET C 29 19.44 17.57 11.42
N GLN C 30 20.27 16.54 11.19
CA GLN C 30 20.83 15.76 12.30
C GLN C 30 21.62 16.65 13.23
N GLU C 31 22.33 17.61 12.65
CA GLU C 31 23.17 18.48 13.46
C GLU C 31 22.30 19.29 14.42
N GLU C 32 21.20 19.87 13.94
CA GLU C 32 20.39 20.73 14.80
C GLU C 32 19.81 19.88 15.88
N ALA C 33 19.35 18.71 15.47
CA ALA C 33 18.73 17.82 16.40
C ALA C 33 19.65 17.46 17.58
N LEU C 34 20.89 17.12 17.30
CA LEU C 34 21.86 16.84 18.36
C LEU C 34 22.20 18.05 19.19
N LYS C 35 22.31 19.22 18.55
CA LYS C 35 22.50 20.46 19.30
C LYS C 35 21.34 20.78 20.21
N LEU C 36 20.14 20.48 19.76
CA LEU C 36 18.99 20.61 20.62
C LEU C 36 19.00 19.67 21.83
N VAL C 37 19.44 18.45 21.65
CA VAL C 37 19.46 17.49 22.73
C VAL C 37 20.34 18.07 23.79
N LEU C 38 21.52 18.42 23.37
CA LEU C 38 22.51 19.07 24.22
C LEU C 38 21.98 20.28 24.96
N LEU C 39 21.19 21.08 24.28
CA LEU C 39 20.63 22.25 24.89
C LEU C 39 19.78 21.89 26.11
N ALA C 40 18.95 20.86 25.92
CA ALA C 40 18.08 20.33 26.99
C ALA C 40 18.83 19.65 28.11
N LEU C 41 19.88 18.89 27.77
CA LEU C 41 20.54 18.00 28.76
C LEU C 41 21.87 18.36 29.36
N GLU C 42 22.51 19.39 28.79
CA GLU C 42 23.88 19.79 29.16
C GLU C 42 24.01 20.38 30.53
N ASP C 43 22.95 20.97 31.05
CA ASP C 43 22.97 21.47 32.43
C ASP C 43 22.54 20.44 33.44
N GLY C 44 22.48 19.19 33.03
CA GLY C 44 22.18 18.10 33.96
C GLY C 44 20.70 17.93 34.28
N SER C 45 19.83 18.58 33.54
CA SER C 45 18.41 18.26 33.64
C SER C 45 18.11 16.82 33.27
N ALA C 46 17.02 16.31 33.82
CA ALA C 46 16.67 14.89 33.70
C ALA C 46 15.30 14.75 33.17
N LEU C 47 15.21 14.27 31.93
CA LEU C 47 13.97 14.28 31.17
C LEU C 47 13.61 12.89 30.74
N SER C 48 12.34 12.51 30.83
CA SER C 48 11.90 11.29 30.20
C SER C 48 12.19 11.43 28.74
N ARG C 49 12.28 10.30 28.09
CA ARG C 49 12.46 10.27 26.65
C ARG C 49 11.33 11.06 25.95
N LYS C 50 10.11 10.95 26.45
CA LYS C 50 8.95 11.59 25.84
C LYS C 50 9.14 13.08 25.77
N VAL C 51 9.59 13.64 26.89
CA VAL C 51 9.78 15.09 27.06
C VAL C 51 10.99 15.58 26.32
N LEU C 52 12.04 14.79 26.33
CA LEU C 52 13.21 15.10 25.51
C LEU C 52 12.87 15.19 24.03
N VAL C 53 12.11 14.23 23.56
CA VAL C 53 11.76 14.22 22.19
C VAL C 53 10.92 15.43 21.86
N LEU C 54 9.96 15.69 22.72
CA LEU C 54 9.16 16.89 22.56
C LEU C 54 9.97 18.14 22.42
N PHE C 55 10.93 18.31 23.32
CA PHE C 55 11.78 19.51 23.35
C PHE C 55 12.34 19.81 22.01
N VAL C 56 12.89 18.76 21.40
CA VAL C 56 13.58 18.85 20.07
C VAL C 56 12.57 19.07 18.90
N VAL C 57 11.59 18.19 18.83
CA VAL C 57 10.55 18.28 17.88
C VAL C 57 9.93 19.65 17.85
N GLN C 58 9.60 20.19 19.00
CA GLN C 58 8.86 21.47 19.01
C GLN C 58 9.57 22.62 18.32
N ARG C 59 10.90 22.60 18.37
CA ARG C 59 11.69 23.61 17.79
C ARG C 59 12.09 23.33 16.38
N LEU C 60 12.12 22.07 16.04
CA LEU C 60 12.59 21.62 14.76
C LEU C 60 11.44 21.52 13.73
N GLU C 61 10.31 20.94 14.16
CA GLU C 61 9.12 20.67 13.31
C GLU C 61 8.61 21.83 12.46
N PRO C 62 8.50 23.01 13.06
CA PRO C 62 8.05 24.11 12.24
C PRO C 62 8.87 24.33 11.03
N ARG C 63 10.15 24.04 11.08
CA ARG C 63 10.90 24.31 9.89
C ARG C 63 11.09 23.07 9.06
N PHE C 64 11.06 21.90 9.71
CA PHE C 64 11.31 20.63 9.05
C PHE C 64 10.25 19.61 9.40
N PRO C 65 9.19 19.47 8.63
CA PRO C 65 8.07 18.61 9.03
C PRO C 65 8.46 17.17 9.11
N GLN C 66 9.50 16.81 8.41
CA GLN C 66 10.06 15.46 8.54
C GLN C 66 10.61 15.15 9.95
N ALA C 67 10.59 16.14 10.85
CA ALA C 67 10.92 15.96 12.28
C ALA C 67 9.76 15.59 13.23
N SER C 68 9.44 14.34 13.26
CA SER C 68 8.30 13.85 14.02
C SER C 68 8.80 13.40 15.35
N LYS C 69 7.86 13.15 16.24
CA LYS C 69 8.22 12.46 17.44
C LYS C 69 8.79 11.10 17.11
N THR C 70 8.28 10.44 16.07
CA THR C 70 8.79 9.13 15.67
C THR C 70 10.23 9.22 15.21
N SER C 71 10.50 10.16 14.32
CA SER C 71 11.83 10.27 13.71
C SER C 71 12.90 10.79 14.68
N ILE C 72 12.56 11.76 15.50
CA ILE C 72 13.47 12.20 16.54
C ILE C 72 13.68 11.13 17.63
N GLY C 73 12.63 10.38 17.95
CA GLY C 73 12.78 9.28 18.82
C GLY C 73 13.85 8.35 18.32
N HIS C 74 13.89 8.12 17.00
CA HIS C 74 14.91 7.24 16.43
C HIS C 74 16.32 7.83 16.46
N VAL C 75 16.44 9.13 16.34
CA VAL C 75 17.72 9.78 16.51
C VAL C 75 18.20 9.61 17.92
N VAL C 76 17.30 9.72 18.91
CA VAL C 76 17.68 9.52 20.33
C VAL C 76 18.15 8.10 20.63
N GLN C 77 17.54 7.12 19.97
CA GLN C 77 17.94 5.73 20.18
C GLN C 77 19.41 5.48 19.75
N LEU C 78 19.82 6.19 18.72
CA LEU C 78 21.16 6.15 18.30
C LEU C 78 22.06 6.42 19.47
N LEU C 79 21.71 7.42 20.27
CA LEU C 79 22.50 7.80 21.46
C LEU C 79 22.26 6.87 22.63
N TYR C 80 21.08 6.25 22.70
CA TYR C 80 20.82 5.21 23.71
C TYR C 80 21.74 3.98 23.45
N ARG C 81 21.81 3.55 22.19
CA ARG C 81 22.68 2.44 21.82
C ARG C 81 24.07 2.80 22.18
N ALA C 82 24.44 4.03 21.86
CA ALA C 82 25.80 4.51 22.10
C ALA C 82 26.17 4.63 23.58
N SER C 83 25.19 4.42 24.45
CA SER C 83 25.34 4.48 25.87
C SER C 83 25.64 5.87 26.44
N CYS C 84 25.04 6.90 25.84
CA CYS C 84 25.40 8.28 26.19
C CYS C 84 24.72 8.82 27.47
N PHE C 85 23.64 8.15 27.89
CA PHE C 85 22.78 8.67 28.94
C PHE C 85 23.04 7.97 30.23
N LYS C 86 22.80 8.68 31.33
CA LYS C 86 22.66 8.11 32.62
C LYS C 86 21.17 7.91 32.81
N VAL C 87 20.74 6.67 32.99
CA VAL C 87 19.32 6.34 33.11
C VAL C 87 18.92 6.16 34.57
N THR C 88 17.75 6.66 34.92
CA THR C 88 17.22 6.50 36.23
C THR C 88 15.87 5.90 36.00
N LYS C 89 15.71 4.62 36.34
CA LYS C 89 14.42 3.96 36.23
C LYS C 89 13.60 4.35 37.43
N ARG C 90 12.30 4.36 37.25
CA ARG C 90 11.38 4.65 38.33
C ARG C 90 10.33 3.56 38.31
N ASP C 91 9.80 3.21 39.47
CA ASP C 91 8.71 2.21 39.57
C ASP C 91 7.39 2.76 39.05
N GLU C 92 6.67 1.88 38.34
CA GLU C 92 5.37 2.18 37.76
C GLU C 92 5.38 3.43 36.85
N ASP C 93 6.54 3.77 36.29
CA ASP C 93 6.71 4.99 35.51
C ASP C 93 7.92 4.88 34.60
N SER C 94 8.06 5.88 33.72
CA SER C 94 9.14 5.91 32.73
CA SER C 94 9.10 5.95 32.72
C SER C 94 10.44 6.40 33.29
N SER C 95 11.51 5.91 32.71
CA SER C 95 12.83 6.34 33.08
C SER C 95 13.03 7.84 32.74
N LEU C 96 13.80 8.51 33.58
CA LEU C 96 14.34 9.80 33.27
C LEU C 96 15.72 9.57 32.74
N MET C 97 16.19 10.44 31.86
CA MET C 97 17.56 10.31 31.40
C MET C 97 18.26 11.64 31.39
N GLN C 98 19.56 11.58 31.71
CA GLN C 98 20.52 12.70 31.64
C GLN C 98 21.69 12.29 30.76
N LEU C 99 22.41 13.25 30.22
CA LEU C 99 23.68 12.96 29.51
C LEU C 99 24.79 12.67 30.49
N LYS C 100 25.50 11.58 30.30
CA LYS C 100 26.76 11.38 31.02
C LYS C 100 27.66 12.61 30.83
N GLU C 101 28.42 12.96 31.85
CA GLU C 101 29.13 14.25 31.88
C GLU C 101 30.12 14.33 30.77
N GLU C 102 30.72 13.20 30.45
CA GLU C 102 31.66 13.15 29.31
C GLU C 102 31.06 13.44 27.93
N PHE C 103 29.72 13.54 27.84
CA PHE C 103 29.06 13.77 26.57
C PHE C 103 28.32 15.08 26.52
N ARG C 104 28.73 16.06 27.29
CA ARG C 104 27.99 17.30 27.37
C ARG C 104 28.64 18.41 26.58
N THR C 105 29.32 18.03 25.50
CA THR C 105 29.76 18.97 24.49
C THR C 105 29.39 18.37 23.14
N TYR C 106 29.03 19.23 22.17
CA TYR C 106 28.61 18.72 20.85
C TYR C 106 29.68 17.77 20.26
N GLU C 107 30.91 18.25 20.25
CA GLU C 107 31.97 17.48 19.68
C GLU C 107 32.01 16.08 20.24
N ALA C 108 31.95 15.96 21.57
CA ALA C 108 32.08 14.68 22.24
C ALA C 108 30.90 13.76 21.87
N LEU C 109 29.69 14.37 21.91
CA LEU C 109 28.44 13.70 21.69
C LEU C 109 28.35 13.26 20.25
N ARG C 110 28.83 14.08 19.34
CA ARG C 110 28.75 13.76 17.94
C ARG C 110 29.72 12.64 17.56
N ARG C 111 30.85 12.57 18.26
CA ARG C 111 31.81 11.50 18.03
C ARG C 111 31.13 10.18 18.26
N GLU C 112 30.37 10.11 19.34
CA GLU C 112 29.77 8.87 19.82
C GLU C 112 28.64 8.46 18.91
N HIS C 113 27.85 9.44 18.57
CA HIS C 113 26.81 9.29 17.57
C HIS C 113 27.31 8.68 16.28
N ASP C 114 28.37 9.32 15.76
CA ASP C 114 29.01 8.88 14.52
C ASP C 114 29.52 7.46 14.63
N SER C 115 30.18 7.19 15.76
CA SER C 115 30.75 5.90 16.03
C SER C 115 29.71 4.83 16.01
N GLN C 116 28.58 5.12 16.62
CA GLN C 116 27.51 4.15 16.66
C GLN C 116 27.04 3.76 15.24
N ILE C 117 26.94 4.72 14.32
CA ILE C 117 26.51 4.39 12.96
C ILE C 117 27.54 3.53 12.29
N VAL C 118 28.79 3.92 12.40
CA VAL C 118 29.88 3.11 11.85
C VAL C 118 29.74 1.65 12.34
N GLN C 119 29.48 1.50 13.65
CA GLN C 119 29.41 0.19 14.29
C GLN C 119 28.29 -0.70 13.77
N ILE C 120 27.19 -0.03 13.42
CA ILE C 120 26.05 -0.66 12.80
C ILE C 120 26.48 -1.15 11.44
N ALA C 121 27.17 -0.29 10.71
CA ALA C 121 27.62 -0.67 9.40
C ALA C 121 28.50 -1.90 9.51
N MET C 122 29.36 -1.92 10.52
CA MET C 122 30.26 -3.03 10.72
C MET C 122 29.47 -4.27 11.04
N GLU C 123 28.54 -4.18 11.98
CA GLU C 123 27.69 -5.32 12.33
C GLU C 123 27.04 -5.87 11.06
N ALA C 124 26.64 -5.00 10.15
CA ALA C 124 26.01 -5.46 8.91
C ALA C 124 26.96 -5.80 7.77
N GLY C 125 28.27 -5.85 8.02
CA GLY C 125 29.30 -6.18 7.00
C GLY C 125 29.37 -5.25 5.79
N LEU C 126 29.43 -3.95 6.07
CA LEU C 126 29.42 -2.92 5.04
C LEU C 126 30.70 -2.12 5.14
N ARG C 127 31.60 -2.40 4.22
CA ARG C 127 32.91 -1.76 4.19
C ARG C 127 32.67 -0.42 3.49
N ILE C 128 32.94 0.66 4.20
CA ILE C 128 32.73 2.02 3.69
C ILE C 128 33.92 2.88 4.08
N ALA C 129 34.50 3.61 3.10
CA ALA C 129 35.71 4.38 3.33
C ALA C 129 35.43 5.76 3.95
N PRO C 130 36.45 6.36 4.59
CA PRO C 130 36.29 7.69 5.20
C PRO C 130 35.80 8.75 4.24
N ASP C 131 36.24 8.75 2.99
CA ASP C 131 35.75 9.77 2.04
C ASP C 131 34.23 9.67 1.96
N GLN C 132 33.74 8.45 1.79
CA GLN C 132 32.29 8.19 1.75
C GLN C 132 31.61 8.60 3.03
N TRP C 133 32.19 8.16 4.17
CA TRP C 133 31.62 8.48 5.49
C TRP C 133 31.44 10.00 5.66
N SER C 134 32.48 10.78 5.35
CA SER C 134 32.40 12.23 5.48
C SER C 134 31.27 12.79 4.60
N SER C 135 31.09 12.21 3.41
CA SER C 135 29.98 12.66 2.57
C SER C 135 28.65 12.36 3.22
N LEU C 136 28.43 11.11 3.60
CA LEU C 136 27.16 10.69 4.18
C LEU C 136 26.73 11.48 5.41
N LEU C 137 27.66 11.63 6.35
CA LEU C 137 27.36 12.22 7.64
C LEU C 137 27.57 13.75 7.69
N TYR C 138 28.39 14.32 6.81
CA TYR C 138 28.61 15.74 6.82
C TYR C 138 28.33 16.46 5.46
N GLY C 139 28.15 15.70 4.38
CA GLY C 139 28.00 16.27 3.04
C GLY C 139 29.19 17.04 2.52
N ASP C 140 30.38 16.72 2.99
CA ASP C 140 31.58 17.41 2.54
C ASP C 140 32.74 16.45 2.69
N GLN C 141 33.96 16.92 2.38
CA GLN C 141 35.14 16.10 2.55
C GLN C 141 36.01 16.64 3.66
N SER C 142 35.41 17.27 4.65
CA SER C 142 36.12 17.94 5.71
C SER C 142 36.23 17.11 6.99
N HIS C 143 35.64 15.91 6.99
CA HIS C 143 35.62 15.09 8.16
C HIS C 143 36.11 13.73 7.81
N LYS C 144 36.96 13.62 6.79
CA LYS C 144 37.55 12.32 6.49
C LYS C 144 38.32 11.81 7.69
N SER C 145 39.24 12.60 8.23
CA SER C 145 40.19 12.08 9.20
C SER C 145 39.53 11.85 10.55
N HIS C 146 38.55 12.69 10.85
CA HIS C 146 37.60 12.40 11.95
C HIS C 146 37.01 10.98 11.85
N MET C 147 36.51 10.65 10.67
CA MET C 147 35.87 9.35 10.44
C MET C 147 36.86 8.19 10.41
N GLN C 148 38.02 8.44 9.81
CA GLN C 148 39.14 7.49 9.86
C GLN C 148 39.51 7.07 11.28
N SER C 149 39.65 8.09 12.14
CA SER C 149 39.94 7.88 13.56
C SER C 149 38.89 7.05 14.27
N ILE C 150 37.62 7.32 14.01
CA ILE C 150 36.54 6.52 14.53
C ILE C 150 36.65 5.05 14.11
N ILE C 151 36.90 4.85 12.83
CA ILE C 151 37.01 3.50 12.28
C ILE C 151 38.18 2.72 12.95
N ASP C 152 39.35 3.33 13.00
CA ASP C 152 40.49 2.66 13.54
C ASP C 152 40.26 2.29 15.02
N LYS C 153 39.63 3.17 15.78
CA LYS C 153 39.38 2.86 17.17
C LYS C 153 38.44 1.68 17.36
N LEU C 154 37.52 1.48 16.43
CA LEU C 154 36.56 0.40 16.51
C LEU C 154 37.05 -1.03 16.24
N GLN C 155 38.29 -1.24 15.78
CA GLN C 155 38.82 -2.62 15.56
C GLN C 155 39.86 -3.03 16.59
N THR C 156 40.65 -2.03 17.02
CA THR C 156 41.73 -2.15 17.99
C THR C 156 41.25 -1.89 19.42
N ASN E 5 -11.12 21.70 11.12
CA ASN E 5 -10.38 21.46 12.39
C ASN E 5 -8.81 21.41 12.10
N PRO E 6 -7.95 22.17 12.84
CA PRO E 6 -6.60 22.51 12.29
C PRO E 6 -5.53 21.45 11.81
N GLN E 7 -5.21 20.38 12.56
CA GLN E 7 -4.07 19.45 12.11
C GLN E 7 -4.44 18.43 11.02
N GLN E 8 -5.72 18.42 10.70
CA GLN E 8 -6.26 17.54 9.69
C GLN E 8 -6.78 18.41 8.52
N LEU E 9 -7.03 19.72 8.72
CA LEU E 9 -6.94 20.72 7.60
C LEU E 9 -5.53 20.73 7.03
N SER E 10 -4.50 20.64 7.88
CA SER E 10 -3.14 20.65 7.37
C SER E 10 -2.88 19.44 6.47
N SER E 11 -3.27 18.23 6.90
CA SER E 11 -2.91 17.02 6.11
C SER E 11 -3.76 16.90 4.84
N ASN E 12 -4.96 17.46 4.89
CA ASN E 12 -5.76 17.54 3.68
C ASN E 12 -5.23 18.51 2.65
N LEU E 13 -4.55 19.55 3.11
CA LEU E 13 -3.87 20.47 2.23
C LEU E 13 -2.83 19.72 1.46
N TRP E 14 -1.98 19.01 2.19
CA TRP E 14 -0.84 18.41 1.54
C TRP E 14 -1.30 17.25 0.70
N ALA E 15 -2.39 16.60 1.06
CA ALA E 15 -3.02 15.63 0.16
C ALA E 15 -3.37 16.28 -1.15
N ALA E 16 -4.08 17.39 -1.08
CA ALA E 16 -4.49 18.08 -2.28
C ALA E 16 -3.32 18.50 -3.12
N VAL E 17 -2.25 18.93 -2.44
CA VAL E 17 -1.03 19.36 -3.13
C VAL E 17 -0.36 18.17 -3.82
N ARG E 18 -0.15 17.06 -3.10
CA ARG E 18 0.53 15.90 -3.69
C ARG E 18 -0.28 15.45 -4.92
N ALA E 19 -1.61 15.46 -4.81
CA ALA E 19 -2.52 15.03 -5.89
C ALA E 19 -2.32 15.78 -7.14
N ARG E 20 -1.86 17.03 -7.03
CA ARG E 20 -1.58 17.84 -8.23
C ARG E 20 -0.12 17.76 -8.73
N GLY E 21 0.57 16.68 -8.39
CA GLY E 21 1.96 16.50 -8.78
C GLY E 21 2.96 17.53 -8.28
N CYS E 22 2.62 18.15 -7.15
CA CYS E 22 3.43 19.16 -6.51
C CYS E 22 3.92 18.73 -5.13
N GLN E 23 4.76 19.54 -4.50
CA GLN E 23 5.21 19.21 -3.15
C GLN E 23 5.81 20.39 -2.37
N PHE E 24 5.61 20.34 -1.06
CA PHE E 24 6.20 21.32 -0.16
C PHE E 24 7.10 20.51 0.77
N LEU E 25 8.34 20.91 0.91
CA LEU E 25 9.33 20.19 1.73
C LEU E 25 9.50 20.77 3.15
N GLY E 26 8.56 21.61 3.58
CA GLY E 26 8.73 22.40 4.77
C GLY E 26 9.32 23.78 4.47
N PRO E 27 9.06 24.76 5.36
CA PRO E 27 9.60 26.11 5.28
C PRO E 27 11.07 26.25 4.96
N ALA E 28 11.94 25.59 5.70
CA ALA E 28 13.36 25.80 5.53
C ALA E 28 13.86 25.26 4.19
N MET E 29 13.45 24.06 3.85
CA MET E 29 14.03 23.37 2.77
C MET E 29 13.45 23.89 1.47
N GLN E 30 12.15 24.21 1.49
CA GLN E 30 11.53 24.83 0.33
C GLN E 30 12.19 26.14 0.01
N GLU E 31 12.57 26.91 1.04
CA GLU E 31 13.24 28.18 0.82
C GLU E 31 14.57 28.02 0.04
N GLU E 32 15.39 27.06 0.43
CA GLU E 32 16.67 26.89 -0.24
C GLU E 32 16.48 26.45 -1.65
N ALA E 33 15.56 25.52 -1.81
CA ALA E 33 15.24 25.03 -3.12
C ALA E 33 14.84 26.15 -4.08
N LEU E 34 13.97 27.04 -3.65
CA LEU E 34 13.56 28.15 -4.50
C LEU E 34 14.69 29.10 -4.77
N LYS E 35 15.50 29.39 -3.76
CA LYS E 35 16.68 30.23 -3.94
C LYS E 35 17.64 29.63 -4.93
N LEU E 36 17.76 28.32 -4.93
CA LEU E 36 18.57 27.63 -5.94
C LEU E 36 18.03 27.68 -7.34
N VAL E 37 16.70 27.62 -7.48
CA VAL E 37 16.09 27.75 -8.79
C VAL E 37 16.47 29.11 -9.33
N LEU E 38 16.22 30.13 -8.53
CA LEU E 38 16.60 31.50 -8.83
C LEU E 38 18.07 31.68 -9.22
N LEU E 39 18.95 31.00 -8.51
CA LEU E 39 20.38 31.05 -8.80
C LEU E 39 20.67 30.60 -10.23
N ALA E 40 20.06 29.49 -10.62
CA ALA E 40 20.19 28.97 -11.97
C ALA E 40 19.55 29.84 -13.06
N LEU E 41 18.37 30.41 -12.78
CA LEU E 41 17.56 31.01 -13.84
C LEU E 41 17.52 32.53 -13.95
N GLU E 42 18.02 33.23 -12.92
CA GLU E 42 17.86 34.68 -12.77
C GLU E 42 18.68 35.49 -13.75
N ASP E 43 19.77 34.93 -14.24
CA ASP E 43 20.47 35.56 -15.35
C ASP E 43 19.90 35.24 -16.76
N GLY E 44 18.70 34.64 -16.85
CA GLY E 44 18.04 34.31 -18.11
C GLY E 44 18.46 33.02 -18.76
N SER E 45 19.28 32.22 -18.11
CA SER E 45 19.68 30.96 -18.73
C SER E 45 18.40 30.16 -18.97
N ALA E 46 18.49 29.24 -19.92
CA ALA E 46 17.35 28.41 -20.35
C ALA E 46 17.70 26.92 -20.24
N LEU E 47 17.04 26.24 -19.31
CA LEU E 47 17.41 24.88 -18.95
C LEU E 47 16.23 23.99 -19.14
N SER E 48 16.45 22.77 -19.62
CA SER E 48 15.42 21.73 -19.53
C SER E 48 15.11 21.50 -18.07
N ARG E 49 13.91 21.01 -17.83
CA ARG E 49 13.49 20.71 -16.47
C ARG E 49 14.47 19.72 -15.81
N LYS E 50 14.96 18.76 -16.60
CA LYS E 50 15.88 17.73 -16.09
C LYS E 50 17.16 18.31 -15.51
N VAL E 51 17.76 19.24 -16.24
CA VAL E 51 18.99 19.95 -15.88
C VAL E 51 18.73 20.93 -14.73
N LEU E 52 17.61 21.64 -14.76
CA LEU E 52 17.26 22.51 -13.64
C LEU E 52 17.16 21.72 -12.33
N VAL E 53 16.50 20.59 -12.40
CA VAL E 53 16.31 19.78 -11.23
C VAL E 53 17.66 19.29 -10.73
N LEU E 54 18.49 18.77 -11.64
CA LEU E 54 19.88 18.36 -11.30
C LEU E 54 20.60 19.48 -10.56
N PHE E 55 20.54 20.70 -11.11
CA PHE E 55 21.23 21.85 -10.52
C PHE E 55 20.94 21.99 -9.02
N VAL E 56 19.65 21.95 -8.69
CA VAL E 56 19.15 22.17 -7.32
C VAL E 56 19.52 20.98 -6.44
N VAL E 57 19.14 19.81 -6.90
CA VAL E 57 19.45 18.57 -6.21
C VAL E 57 20.92 18.46 -5.82
N GLN E 58 21.81 18.75 -6.74
CA GLN E 58 23.24 18.58 -6.47
C GLN E 58 23.80 19.43 -5.37
N ARG E 59 23.24 20.62 -5.16
CA ARG E 59 23.65 21.50 -4.05
C ARG E 59 22.82 21.37 -2.80
N LEU E 60 21.64 20.78 -2.92
CA LEU E 60 20.77 20.52 -1.76
C LEU E 60 20.97 19.14 -1.10
N GLU E 61 21.05 18.10 -1.92
CA GLU E 61 21.15 16.72 -1.48
C GLU E 61 22.19 16.48 -0.38
N PRO E 62 23.35 17.12 -0.49
CA PRO E 62 24.33 16.82 0.53
C PRO E 62 23.96 17.30 1.90
N ARG E 63 23.22 18.39 2.02
CA ARG E 63 22.78 18.82 3.37
C ARG E 63 21.41 18.13 3.69
N PHE E 64 20.60 17.81 2.68
CA PHE E 64 19.27 17.21 2.85
C PHE E 64 18.98 16.03 1.92
N PRO E 65 19.30 14.79 2.29
CA PRO E 65 18.99 13.65 1.41
C PRO E 65 17.52 13.50 0.93
N GLN E 66 16.57 14.02 1.70
CA GLN E 66 15.17 14.03 1.29
C GLN E 66 14.94 14.87 0.04
N ALA E 67 16.00 15.51 -0.47
CA ALA E 67 16.00 16.22 -1.77
C ALA E 67 16.38 15.34 -2.97
N SER E 68 15.40 14.65 -3.49
CA SER E 68 15.58 13.79 -4.63
C SER E 68 15.28 14.57 -5.91
N LYS E 69 15.67 13.99 -7.04
CA LYS E 69 15.16 14.46 -8.30
C LYS E 69 13.63 14.42 -8.30
N THR E 70 13.03 13.39 -7.70
CA THR E 70 11.60 13.28 -7.71
C THR E 70 10.98 14.42 -6.93
N SER E 71 11.46 14.65 -5.72
CA SER E 71 10.83 15.62 -4.84
C SER E 71 11.07 17.09 -5.29
N ILE E 72 12.29 17.39 -5.77
CA ILE E 72 12.54 18.68 -6.39
C ILE E 72 11.77 18.89 -7.69
N GLY E 73 11.60 17.84 -8.47
CA GLY E 73 10.71 17.87 -9.62
C GLY E 73 9.33 18.34 -9.27
N HIS E 74 8.80 17.86 -8.14
CA HIS E 74 7.48 18.31 -7.66
C HIS E 74 7.41 19.75 -7.17
N VAL E 75 8.51 20.23 -6.61
CA VAL E 75 8.62 21.63 -6.27
C VAL E 75 8.60 22.52 -7.51
N VAL E 76 9.28 22.10 -8.56
CA VAL E 76 9.29 22.85 -9.82
C VAL E 76 7.91 22.88 -10.50
N GLN E 77 7.14 21.79 -10.39
CA GLN E 77 5.79 21.78 -10.93
C GLN E 77 4.85 22.83 -10.28
N LEU E 78 5.05 23.07 -9.00
CA LEU E 78 4.38 24.14 -8.31
C LEU E 78 4.54 25.47 -9.06
N LEU E 79 5.75 25.73 -9.51
CA LEU E 79 6.04 26.92 -10.31
C LEU E 79 5.57 26.83 -11.74
N TYR E 80 5.50 25.62 -12.30
CA TYR E 80 4.93 25.41 -13.64
C TYR E 80 3.43 25.75 -13.61
N ARG E 81 2.73 25.24 -12.60
CA ARG E 81 1.30 25.54 -12.44
C ARG E 81 1.10 27.01 -12.29
N ALA E 82 1.99 27.62 -11.50
CA ALA E 82 1.94 29.07 -11.25
C ALA E 82 2.22 29.94 -12.46
N SER E 83 2.62 29.32 -13.56
CA SER E 83 2.92 29.99 -14.78
C SER E 83 4.16 30.93 -14.68
N CYS E 84 5.17 30.52 -13.94
CA CYS E 84 6.34 31.37 -13.70
C CYS E 84 7.37 31.35 -14.83
N PHE E 85 7.33 30.30 -15.67
CA PHE E 85 8.35 30.09 -16.67
C PHE E 85 7.92 30.60 -18.04
N LYS E 86 8.89 30.99 -18.86
CA LYS E 86 8.72 31.11 -20.31
C LYS E 86 9.21 29.78 -20.94
N VAL E 87 8.32 29.10 -21.61
CA VAL E 87 8.64 27.79 -22.11
C VAL E 87 8.99 27.91 -23.57
N THR E 88 9.97 27.15 -23.99
CA THR E 88 10.33 27.07 -25.39
C THR E 88 10.33 25.59 -25.74
N LYS E 89 9.35 25.15 -26.54
CA LYS E 89 9.29 23.75 -26.93
C LYS E 89 10.25 23.58 -28.06
N ARG E 90 10.77 22.37 -28.18
CA ARG E 90 11.69 22.04 -29.25
C ARG E 90 11.22 20.76 -29.87
N ASP E 91 11.46 20.60 -31.17
CA ASP E 91 11.04 19.40 -31.86
C ASP E 91 11.93 18.22 -31.48
N GLU E 92 11.28 17.06 -31.32
CA GLU E 92 11.94 15.78 -30.99
C GLU E 92 12.79 15.85 -29.72
N ASP E 93 12.46 16.78 -28.82
CA ASP E 93 13.28 17.04 -27.64
C ASP E 93 12.45 17.74 -26.56
N SER E 94 13.05 17.88 -25.37
CA SER E 94 12.40 18.51 -24.23
C SER E 94 12.41 20.00 -24.27
N SER E 95 11.38 20.58 -23.68
CA SER E 95 11.29 22.02 -23.60
C SER E 95 12.43 22.57 -22.74
N LEU E 96 12.90 23.76 -23.10
CA LEU E 96 13.76 24.53 -22.24
C LEU E 96 12.87 25.49 -21.51
N MET E 97 13.26 25.88 -20.31
CA MET E 97 12.50 26.88 -19.59
C MET E 97 13.38 27.91 -18.94
N GLN E 98 12.87 29.15 -18.95
CA GLN E 98 13.47 30.31 -18.27
C GLN E 98 12.43 30.90 -17.33
N LEU E 99 12.89 31.66 -16.34
CA LEU E 99 11.95 32.43 -15.52
C LEU E 99 11.46 33.68 -16.27
N LYS E 100 10.16 33.89 -16.31
CA LYS E 100 9.65 35.19 -16.71
C LYS E 100 10.34 36.29 -15.90
N GLU E 101 10.59 37.42 -16.54
CA GLU E 101 11.45 38.49 -15.96
C GLU E 101 10.84 39.03 -14.68
N GLU E 102 9.51 39.08 -14.62
CA GLU E 102 8.82 39.51 -13.42
C GLU E 102 8.99 38.58 -12.22
N PHE E 103 9.61 37.42 -12.43
CA PHE E 103 9.81 36.44 -11.36
C PHE E 103 11.27 36.12 -11.06
N ARG E 104 12.17 37.08 -11.27
CA ARG E 104 13.59 36.82 -11.07
C ARG E 104 14.14 37.41 -9.78
N THR E 105 13.26 37.56 -8.80
CA THR E 105 13.67 37.96 -7.46
C THR E 105 12.97 36.98 -6.54
N TYR E 106 13.60 36.63 -5.41
CA TYR E 106 13.00 35.62 -4.49
C TYR E 106 11.61 36.04 -4.01
N GLU E 107 11.51 37.28 -3.57
CA GLU E 107 10.26 37.81 -3.13
C GLU E 107 9.14 37.60 -4.13
N ALA E 108 9.38 37.98 -5.38
CA ALA E 108 8.37 37.89 -6.46
C ALA E 108 7.99 36.46 -6.80
N LEU E 109 9.02 35.63 -6.91
CA LEU E 109 8.86 34.22 -7.16
C LEU E 109 8.13 33.51 -6.02
N ARG E 110 8.43 33.89 -4.79
CA ARG E 110 7.88 33.20 -3.65
C ARG E 110 6.42 33.57 -3.52
N ARG E 111 6.09 34.78 -3.93
CA ARG E 111 4.71 35.22 -3.87
C ARG E 111 3.85 34.27 -4.71
N GLU E 112 4.37 33.94 -5.87
CA GLU E 112 3.63 33.20 -6.86
C GLU E 112 3.49 31.74 -6.42
N HIS E 113 4.60 31.24 -5.92
CA HIS E 113 4.66 29.93 -5.34
C HIS E 113 3.58 29.77 -4.30
N ASP E 114 3.60 30.72 -3.37
CA ASP E 114 2.67 30.71 -2.24
C ASP E 114 1.22 30.76 -2.73
N SER E 115 0.99 31.64 -3.72
CA SER E 115 -0.33 31.85 -4.29
C SER E 115 -0.87 30.59 -4.90
N GLN E 116 0.02 29.86 -5.57
CA GLN E 116 -0.39 28.61 -6.17
C GLN E 116 -0.88 27.61 -5.13
N ILE E 117 -0.22 27.53 -3.98
CA ILE E 117 -0.68 26.60 -2.96
C ILE E 117 -2.03 27.02 -2.43
N VAL E 118 -2.17 28.29 -2.10
CA VAL E 118 -3.47 28.82 -1.65
C VAL E 118 -4.58 28.40 -2.64
N GLN E 119 -4.29 28.53 -3.92
CA GLN E 119 -5.27 28.28 -4.96
C GLN E 119 -5.69 26.86 -5.02
N ILE E 120 -4.72 25.99 -4.78
CA ILE E 120 -4.94 24.55 -4.69
C ILE E 120 -5.84 24.24 -3.51
N ALA E 121 -5.57 24.88 -2.40
CA ALA E 121 -6.46 24.80 -1.24
C ALA E 121 -7.88 25.28 -1.55
N MET E 122 -8.01 26.38 -2.29
CA MET E 122 -9.32 26.89 -2.71
C MET E 122 -10.03 25.92 -3.64
N GLU E 123 -9.34 25.43 -4.67
CA GLU E 123 -9.90 24.39 -5.57
C GLU E 123 -10.43 23.21 -4.77
N ALA E 124 -9.74 22.82 -3.73
CA ALA E 124 -10.19 21.70 -2.89
C ALA E 124 -11.15 22.07 -1.78
N GLY E 125 -11.65 23.32 -1.74
CA GLY E 125 -12.59 23.81 -0.70
C GLY E 125 -12.11 23.77 0.75
N LEU E 126 -10.92 24.32 0.98
CA LEU E 126 -10.27 24.30 2.28
C LEU E 126 -10.06 25.73 2.73
N ARG E 127 -10.91 26.14 3.66
CA ARG E 127 -10.85 27.50 4.21
C ARG E 127 -9.80 27.46 5.36
N ILE E 128 -8.74 28.24 5.16
CA ILE E 128 -7.58 28.27 6.04
C ILE E 128 -7.19 29.72 6.25
N ALA E 129 -7.01 30.12 7.51
CA ALA E 129 -6.75 31.53 7.82
C ALA E 129 -5.27 31.93 7.65
N PRO E 130 -5.00 33.24 7.45
CA PRO E 130 -3.61 33.71 7.37
C PRO E 130 -2.70 33.30 8.52
N ASP E 131 -3.20 33.27 9.77
CA ASP E 131 -2.33 32.83 10.87
C ASP E 131 -1.84 31.40 10.59
N GLN E 132 -2.76 30.51 10.21
CA GLN E 132 -2.44 29.12 9.82
C GLN E 132 -1.47 29.09 8.62
N TRP E 133 -1.79 29.85 7.57
CA TRP E 133 -0.95 29.89 6.37
C TRP E 133 0.49 30.24 6.72
N SER E 134 0.69 31.30 7.50
CA SER E 134 2.06 31.73 7.88
C SER E 134 2.79 30.62 8.63
N SER E 135 2.07 29.86 9.47
CA SER E 135 2.70 28.73 10.16
C SER E 135 3.10 27.67 9.17
N LEU E 136 2.16 27.22 8.33
CA LEU E 136 2.44 26.16 7.35
C LEU E 136 3.64 26.45 6.46
N LEU E 137 3.67 27.62 5.90
CA LEU E 137 4.60 27.95 4.85
C LEU E 137 5.87 28.62 5.36
N TYR E 138 5.82 29.23 6.53
CA TYR E 138 7.04 29.86 7.08
C TYR E 138 7.44 29.39 8.48
N GLY E 139 6.57 28.65 9.17
CA GLY E 139 6.83 28.27 10.54
C GLY E 139 6.94 29.42 11.53
N ASP E 140 6.28 30.54 11.25
CA ASP E 140 6.28 31.68 12.15
C ASP E 140 4.99 32.46 11.90
N GLN E 141 4.83 33.56 12.62
CA GLN E 141 3.67 34.44 12.48
C GLN E 141 4.07 35.75 11.84
N SER E 142 5.12 35.73 11.02
CA SER E 142 5.73 36.93 10.45
C SER E 142 5.26 37.18 9.04
N HIS E 143 4.42 36.29 8.51
CA HIS E 143 3.96 36.41 7.14
C HIS E 143 2.45 36.35 7.09
N LYS E 144 1.76 36.70 8.17
CA LYS E 144 0.29 36.71 8.14
C LYS E 144 -0.19 37.65 7.05
N SER E 145 0.29 38.90 7.04
CA SER E 145 -0.30 39.89 6.17
C SER E 145 0.13 39.67 4.71
N HIS E 146 1.35 39.19 4.49
CA HIS E 146 1.73 38.62 3.18
C HIS E 146 0.69 37.60 2.64
N MET E 147 0.30 36.65 3.47
CA MET E 147 -0.65 35.62 3.09
C MET E 147 -2.06 36.18 2.91
N GLN E 148 -2.45 37.09 3.80
CA GLN E 148 -3.72 37.78 3.66
C GLN E 148 -3.85 38.45 2.30
N SER E 149 -2.79 39.17 1.92
CA SER E 149 -2.66 39.82 0.61
C SER E 149 -2.90 38.86 -0.54
N ILE E 150 -2.27 37.70 -0.45
CA ILE E 150 -2.42 36.66 -1.46
C ILE E 150 -3.86 36.18 -1.57
N ILE E 151 -4.46 35.94 -0.40
CA ILE E 151 -5.82 35.48 -0.36
C ILE E 151 -6.78 36.51 -0.96
N ASP E 152 -6.66 37.77 -0.56
CA ASP E 152 -7.54 38.84 -1.09
C ASP E 152 -7.41 38.99 -2.63
N LYS E 153 -6.20 38.90 -3.16
CA LYS E 153 -6.03 38.98 -4.62
C LYS E 153 -6.69 37.87 -5.37
N LEU E 154 -6.76 36.71 -4.74
CA LEU E 154 -7.34 35.52 -5.39
C LEU E 154 -8.87 35.47 -5.54
N GLN E 155 -9.64 36.38 -4.93
CA GLN E 155 -11.12 36.37 -5.09
C GLN E 155 -11.68 37.55 -5.90
N THR E 156 -11.07 38.73 -5.72
CA THR E 156 -11.58 40.07 -6.18
C THR E 156 -11.82 40.30 -7.69
N GLN G 8 -12.97 -10.35 4.84
CA GLN G 8 -14.44 -10.22 5.06
C GLN G 8 -15.12 -8.91 4.58
N LEU G 9 -14.47 -7.74 4.75
CA LEU G 9 -14.73 -6.59 3.85
C LEU G 9 -14.44 -7.07 2.44
N SER G 10 -13.41 -7.92 2.25
CA SER G 10 -13.12 -8.42 0.91
C SER G 10 -14.25 -9.31 0.32
N SER G 11 -14.78 -10.27 1.07
CA SER G 11 -15.84 -11.15 0.53
C SER G 11 -17.20 -10.45 0.41
N ASN G 12 -17.44 -9.43 1.23
CA ASN G 12 -18.63 -8.59 1.06
C ASN G 12 -18.59 -7.69 -0.17
N LEU G 13 -17.38 -7.31 -0.60
CA LEU G 13 -17.20 -6.59 -1.86
C LEU G 13 -17.61 -7.46 -3.01
N TRP G 14 -17.08 -8.69 -3.05
CA TRP G 14 -17.35 -9.57 -4.18
C TRP G 14 -18.77 -10.07 -4.15
N ALA G 15 -19.36 -10.21 -2.97
CA ALA G 15 -20.81 -10.39 -2.87
C ALA G 15 -21.57 -9.25 -3.57
N ALA G 16 -21.26 -8.00 -3.22
CA ALA G 16 -21.92 -6.83 -3.81
C ALA G 16 -21.75 -6.75 -5.31
N VAL G 17 -20.55 -7.15 -5.76
CA VAL G 17 -20.24 -7.20 -7.19
C VAL G 17 -21.03 -8.29 -7.91
N ARG G 18 -21.03 -9.51 -7.39
CA ARG G 18 -21.78 -10.64 -8.02
C ARG G 18 -23.27 -10.30 -8.11
N ALA G 19 -23.79 -9.68 -7.04
CA ALA G 19 -25.19 -9.22 -6.97
C ALA G 19 -25.58 -8.26 -8.07
N ARG G 20 -24.62 -7.50 -8.58
CA ARG G 20 -24.88 -6.63 -9.72
C ARG G 20 -24.58 -7.25 -11.12
N GLY G 21 -24.61 -8.59 -11.19
CA GLY G 21 -24.34 -9.28 -12.43
C GLY G 21 -22.96 -9.07 -13.04
N CYS G 22 -22.00 -8.73 -12.18
CA CYS G 22 -20.63 -8.43 -12.58
C CYS G 22 -19.68 -9.43 -11.94
N GLN G 23 -18.39 -9.36 -12.28
CA GLN G 23 -17.41 -10.27 -11.70
C GLN G 23 -15.96 -9.82 -11.84
N PHE G 24 -15.15 -10.18 -10.84
CA PHE G 24 -13.72 -9.96 -10.87
C PHE G 24 -13.04 -11.32 -10.73
N LEU G 25 -12.11 -11.61 -11.63
CA LEU G 25 -11.49 -12.93 -11.73
C LEU G 25 -10.13 -12.98 -11.13
N GLY G 26 -9.82 -11.99 -10.32
CA GLY G 26 -8.45 -11.82 -9.81
C GLY G 26 -7.59 -10.94 -10.69
N PRO G 27 -6.57 -10.30 -10.10
CA PRO G 27 -5.70 -9.36 -10.81
C PRO G 27 -5.19 -9.83 -12.17
N ALA G 28 -4.63 -11.03 -12.22
CA ALA G 28 -3.92 -11.50 -13.40
C ALA G 28 -4.87 -11.80 -14.53
N MET G 29 -5.94 -12.48 -14.18
CA MET G 29 -6.88 -12.96 -15.18
C MET G 29 -7.80 -11.84 -15.69
N GLN G 30 -8.21 -10.94 -14.78
CA GLN G 30 -8.96 -9.74 -15.17
C GLN G 30 -8.16 -8.85 -16.14
N GLU G 31 -6.86 -8.73 -15.90
CA GLU G 31 -6.02 -7.94 -16.78
C GLU G 31 -6.02 -8.52 -18.21
N GLU G 32 -5.86 -9.83 -18.39
CA GLU G 32 -5.82 -10.38 -19.77
C GLU G 32 -7.16 -10.23 -20.45
N ALA G 33 -8.20 -10.49 -19.66
CA ALA G 33 -9.55 -10.34 -20.15
C ALA G 33 -9.82 -8.93 -20.70
N LEU G 34 -9.46 -7.90 -19.95
CA LEU G 34 -9.64 -6.54 -20.43
C LEU G 34 -8.76 -6.26 -21.67
N LYS G 35 -7.52 -6.73 -21.66
CA LYS G 35 -6.63 -6.53 -22.80
C LYS G 35 -7.17 -7.21 -24.03
N LEU G 36 -7.84 -8.35 -23.84
CA LEU G 36 -8.53 -9.01 -24.94
C LEU G 36 -9.76 -8.29 -25.49
N VAL G 37 -10.52 -7.65 -24.61
CA VAL G 37 -11.63 -6.83 -25.04
C VAL G 37 -11.09 -5.73 -25.94
N LEU G 38 -10.11 -5.01 -25.42
CA LEU G 38 -9.41 -3.97 -26.18
C LEU G 38 -8.89 -4.43 -27.53
N LEU G 39 -8.35 -5.64 -27.57
CA LEU G 39 -7.83 -6.21 -28.82
C LEU G 39 -8.91 -6.29 -29.90
N ALA G 40 -10.07 -6.81 -29.49
CA ALA G 40 -11.22 -6.88 -30.36
C ALA G 40 -11.78 -5.52 -30.77
N LEU G 41 -11.84 -4.56 -29.83
CA LEU G 41 -12.66 -3.34 -30.02
C LEU G 41 -11.98 -2.03 -30.34
N GLU G 42 -10.65 -2.01 -30.18
CA GLU G 42 -9.84 -0.76 -30.26
C GLU G 42 -9.75 -0.19 -31.65
N ASP G 43 -9.86 -1.04 -32.66
CA ASP G 43 -9.91 -0.54 -34.02
C ASP G 43 -11.32 -0.11 -34.47
N GLY G 44 -12.27 0.00 -33.54
CA GLY G 44 -13.62 0.44 -33.84
C GLY G 44 -14.54 -0.63 -34.38
N SER G 45 -14.12 -1.89 -34.38
CA SER G 45 -15.04 -2.95 -34.80
C SER G 45 -16.27 -2.89 -33.87
N ALA G 46 -17.38 -3.39 -34.38
CA ALA G 46 -18.65 -3.42 -33.67
C ALA G 46 -19.19 -4.86 -33.55
N LEU G 47 -19.20 -5.40 -32.34
CA LEU G 47 -19.49 -6.81 -32.10
C LEU G 47 -20.68 -6.91 -31.20
N SER G 48 -21.57 -7.88 -31.43
CA SER G 48 -22.55 -8.24 -30.43
C SER G 48 -21.81 -8.67 -29.15
N ARG G 49 -22.50 -8.56 -28.02
CA ARG G 49 -21.95 -9.02 -26.78
C ARG G 49 -21.56 -10.52 -26.86
N LYS G 50 -22.37 -11.31 -27.56
CA LYS G 50 -22.12 -12.76 -27.70
C LYS G 50 -20.77 -13.09 -28.37
N VAL G 51 -20.52 -12.40 -29.49
CA VAL G 51 -19.29 -12.51 -30.27
C VAL G 51 -18.07 -11.93 -29.50
N LEU G 52 -18.28 -10.81 -28.82
CA LEU G 52 -17.21 -10.26 -27.97
C LEU G 52 -16.79 -11.23 -26.88
N VAL G 53 -17.78 -11.82 -26.23
CA VAL G 53 -17.49 -12.77 -25.17
C VAL G 53 -16.78 -14.01 -25.69
N LEU G 54 -17.29 -14.55 -26.78
CA LEU G 54 -16.60 -15.63 -27.46
C LEU G 54 -15.11 -15.33 -27.87
N PHE G 55 -14.85 -14.15 -28.44
CA PHE G 55 -13.48 -13.70 -28.76
C PHE G 55 -12.52 -13.90 -27.58
N VAL G 56 -12.93 -13.41 -26.40
CA VAL G 56 -12.12 -13.38 -25.18
C VAL G 56 -11.97 -14.79 -24.65
N VAL G 57 -13.10 -15.44 -24.42
CA VAL G 57 -13.14 -16.82 -23.95
C VAL G 57 -12.24 -17.77 -24.76
N GLN G 58 -12.31 -17.71 -26.08
CA GLN G 58 -11.50 -18.63 -26.91
C GLN G 58 -10.01 -18.50 -26.72
N ARG G 59 -9.51 -17.29 -26.43
CA ARG G 59 -8.10 -16.98 -26.21
C ARG G 59 -7.67 -17.14 -24.75
N LEU G 60 -8.62 -17.03 -23.85
CA LEU G 60 -8.36 -17.14 -22.42
C LEU G 60 -8.50 -18.56 -21.86
N GLU G 61 -9.57 -19.24 -22.27
CA GLU G 61 -9.93 -20.56 -21.76
C GLU G 61 -8.78 -21.56 -21.75
N PRO G 62 -7.96 -21.57 -22.81
CA PRO G 62 -6.86 -22.55 -22.80
C PRO G 62 -5.83 -22.30 -21.70
N ARG G 63 -5.63 -21.06 -21.28
CA ARG G 63 -4.71 -20.66 -20.19
C ARG G 63 -5.38 -20.45 -18.81
N PHE G 64 -6.70 -20.27 -18.80
CA PHE G 64 -7.46 -20.15 -17.55
C PHE G 64 -8.76 -20.92 -17.78
N PRO G 65 -8.74 -22.23 -17.59
CA PRO G 65 -9.97 -23.04 -17.84
C PRO G 65 -11.26 -22.65 -17.05
N GLN G 66 -11.10 -22.00 -15.92
CA GLN G 66 -12.23 -21.37 -15.24
C GLN G 66 -13.03 -20.25 -16.07
N ALA G 67 -12.47 -19.79 -17.19
CA ALA G 67 -13.01 -18.69 -18.05
C ALA G 67 -14.14 -19.22 -18.92
N SER G 68 -15.37 -19.01 -18.46
CA SER G 68 -16.56 -19.36 -19.17
C SER G 68 -17.19 -18.16 -19.90
N LYS G 69 -18.13 -18.47 -20.79
CA LYS G 69 -18.93 -17.42 -21.43
C LYS G 69 -19.72 -16.68 -20.36
N THR G 70 -20.16 -17.40 -19.34
CA THR G 70 -20.85 -16.75 -18.22
C THR G 70 -19.97 -15.76 -17.48
N SER G 71 -18.79 -16.19 -17.06
CA SER G 71 -17.93 -15.38 -16.21
C SER G 71 -17.39 -14.16 -16.97
N ILE G 72 -16.98 -14.37 -18.22
CA ILE G 72 -16.53 -13.26 -19.06
C ILE G 72 -17.69 -12.31 -19.36
N GLY G 73 -18.88 -12.86 -19.56
CA GLY G 73 -20.06 -12.04 -19.71
C GLY G 73 -20.20 -11.07 -18.55
N HIS G 74 -19.92 -11.54 -17.32
CA HIS G 74 -20.01 -10.70 -16.12
C HIS G 74 -18.92 -9.66 -16.02
N VAL G 75 -17.74 -9.98 -16.52
CA VAL G 75 -16.69 -8.96 -16.68
C VAL G 75 -17.11 -7.83 -17.66
N VAL G 76 -17.74 -8.19 -18.78
CA VAL G 76 -18.21 -7.21 -19.76
C VAL G 76 -19.31 -6.32 -19.17
N GLN G 77 -20.16 -6.87 -18.31
CA GLN G 77 -21.22 -6.07 -17.69
C GLN G 77 -20.66 -4.95 -16.79
N LEU G 78 -19.54 -5.24 -16.18
CA LEU G 78 -18.81 -4.23 -15.42
C LEU G 78 -18.59 -2.99 -16.30
N LEU G 79 -18.19 -3.21 -17.55
CA LEU G 79 -17.95 -2.13 -18.50
C LEU G 79 -19.19 -1.56 -19.08
N TYR G 80 -20.24 -2.37 -19.18
CA TYR G 80 -21.57 -1.87 -19.57
C TYR G 80 -22.10 -0.89 -18.51
N ARG G 81 -22.02 -1.27 -17.24
CA ARG G 81 -22.40 -0.39 -16.15
C ARG G 81 -21.60 0.88 -16.21
N ALA G 82 -20.30 0.74 -16.43
CA ALA G 82 -19.38 1.90 -16.48
C ALA G 82 -19.63 2.84 -17.65
N SER G 83 -20.52 2.45 -18.56
CA SER G 83 -20.91 3.20 -19.75
C SER G 83 -19.78 3.33 -20.79
N CYS G 84 -18.99 2.27 -20.97
CA CYS G 84 -17.80 2.32 -21.81
C CYS G 84 -18.10 2.14 -23.31
N PHE G 85 -19.25 1.58 -23.62
CA PHE G 85 -19.59 1.22 -24.99
C PHE G 85 -20.49 2.22 -25.64
N LYS G 86 -20.37 2.32 -26.96
CA LYS G 86 -21.39 2.92 -27.82
C LYS G 86 -22.27 1.76 -28.33
N VAL G 87 -23.54 1.80 -28.00
CA VAL G 87 -24.45 0.71 -28.34
C VAL G 87 -25.26 1.07 -29.60
N THR G 88 -25.48 0.10 -30.47
CA THR G 88 -26.32 0.28 -31.63
C THR G 88 -27.32 -0.84 -31.59
N LYS G 89 -28.57 -0.51 -31.31
CA LYS G 89 -29.62 -1.54 -31.25
C LYS G 89 -30.06 -1.84 -32.66
N ARG G 90 -30.50 -3.07 -32.90
CA ARG G 90 -30.95 -3.54 -34.22
C ARG G 90 -32.29 -4.25 -34.16
N ASP G 91 -33.10 -4.16 -35.23
CA ASP G 91 -34.41 -4.82 -35.27
C ASP G 91 -34.26 -6.32 -35.43
N GLU G 92 -35.11 -7.05 -34.68
CA GLU G 92 -35.19 -8.52 -34.70
C GLU G 92 -33.83 -9.17 -34.38
N ASP G 93 -32.95 -8.46 -33.67
CA ASP G 93 -31.57 -8.92 -33.42
C ASP G 93 -30.90 -8.19 -32.25
N SER G 94 -29.72 -8.66 -31.91
CA SER G 94 -28.96 -8.13 -30.81
C SER G 94 -28.28 -6.85 -31.13
N SER G 95 -28.06 -6.04 -30.10
CA SER G 95 -27.22 -4.86 -30.21
C SER G 95 -25.79 -5.21 -30.59
N LEU G 96 -25.18 -4.36 -31.38
CA LEU G 96 -23.75 -4.35 -31.56
C LEU G 96 -23.18 -3.34 -30.61
N MET G 97 -21.96 -3.57 -30.14
CA MET G 97 -21.32 -2.59 -29.29
C MET G 97 -19.88 -2.37 -29.70
N GLN G 98 -19.47 -1.09 -29.58
CA GLN G 98 -18.09 -0.62 -29.82
C GLN G 98 -17.62 0.08 -28.55
N LEU G 99 -16.30 0.20 -28.39
CA LEU G 99 -15.75 1.05 -27.32
C LEU G 99 -15.86 2.52 -27.68
N LYS G 100 -16.40 3.33 -26.78
CA LYS G 100 -16.26 4.78 -26.93
C LYS G 100 -14.78 5.13 -27.13
N GLU G 101 -14.50 6.14 -27.96
CA GLU G 101 -13.13 6.43 -28.40
C GLU G 101 -12.21 6.82 -27.26
N GLU G 102 -12.76 7.52 -26.27
CA GLU G 102 -12.03 7.80 -25.05
C GLU G 102 -11.60 6.56 -24.22
N PHE G 103 -12.08 5.36 -24.55
CA PHE G 103 -11.75 4.14 -23.80
C PHE G 103 -11.01 3.08 -24.60
N ARG G 104 -10.25 3.51 -25.59
CA ARG G 104 -9.55 2.55 -26.47
C ARG G 104 -8.08 2.39 -26.15
N THR G 105 -7.72 2.61 -24.89
CA THR G 105 -6.39 2.33 -24.39
C THR G 105 -6.64 1.58 -23.10
N TYR G 106 -5.75 0.63 -22.77
CA TYR G 106 -5.88 -0.16 -21.53
C TYR G 106 -5.97 0.75 -20.28
N GLU G 107 -5.03 1.72 -20.18
CA GLU G 107 -4.99 2.72 -19.10
C GLU G 107 -6.39 3.31 -18.84
N ALA G 108 -6.98 3.85 -19.91
CA ALA G 108 -8.25 4.57 -19.85
C ALA G 108 -9.41 3.65 -19.47
N LEU G 109 -9.45 2.49 -20.14
CA LEU G 109 -10.46 1.45 -19.92
C LEU G 109 -10.40 0.85 -18.53
N ARG G 110 -9.18 0.65 -18.05
CA ARG G 110 -8.98 0.07 -16.73
C ARG G 110 -9.36 1.07 -15.61
N ARG G 111 -9.13 2.35 -15.84
CA ARG G 111 -9.56 3.37 -14.90
C ARG G 111 -11.07 3.28 -14.65
N GLU G 112 -11.83 3.12 -15.74
CA GLU G 112 -13.30 3.11 -15.69
C GLU G 112 -13.85 1.85 -15.06
N HIS G 113 -13.26 0.73 -15.47
CA HIS G 113 -13.47 -0.57 -14.84
C HIS G 113 -13.32 -0.53 -13.30
N ASP G 114 -12.16 0.00 -12.87
CA ASP G 114 -11.81 0.12 -11.45
C ASP G 114 -12.79 1.01 -10.74
N SER G 115 -13.11 2.14 -11.37
CA SER G 115 -14.05 3.11 -10.81
C SER G 115 -15.41 2.49 -10.56
N GLN G 116 -15.88 1.69 -11.51
CA GLN G 116 -17.17 1.04 -11.38
C GLN G 116 -17.21 0.11 -10.17
N ILE G 117 -16.14 -0.65 -9.89
CA ILE G 117 -16.11 -1.50 -8.69
C ILE G 117 -16.15 -0.66 -7.43
N VAL G 118 -15.32 0.38 -7.37
CA VAL G 118 -15.32 1.31 -6.23
C VAL G 118 -16.74 1.82 -5.96
N GLN G 119 -17.44 2.19 -7.03
CA GLN G 119 -18.78 2.76 -6.96
C GLN G 119 -19.81 1.79 -6.42
N ILE G 120 -19.64 0.52 -6.79
CA ILE G 120 -20.45 -0.59 -6.27
C ILE G 120 -20.19 -0.72 -4.77
N ALA G 121 -18.92 -0.68 -4.37
CA ALA G 121 -18.55 -0.71 -2.96
C ALA G 121 -19.19 0.45 -2.19
N MET G 122 -19.17 1.65 -2.79
CA MET G 122 -19.81 2.83 -2.19
C MET G 122 -21.32 2.62 -2.08
N GLU G 123 -21.99 2.22 -3.17
CA GLU G 123 -23.45 1.92 -3.12
C GLU G 123 -23.77 0.98 -1.95
N ALA G 124 -22.92 -0.01 -1.71
CA ALA G 124 -23.13 -0.99 -0.66
C ALA G 124 -22.60 -0.59 0.71
N GLY G 125 -22.15 0.68 0.86
CA GLY G 125 -21.64 1.22 2.14
C GLY G 125 -20.41 0.53 2.72
N LEU G 126 -19.40 0.34 1.88
CA LEU G 126 -18.20 -0.40 2.24
C LEU G 126 -17.03 0.54 2.13
N ARG G 127 -16.56 1.01 3.28
CA ARG G 127 -15.42 1.90 3.34
C ARG G 127 -14.15 1.03 3.27
N ILE G 128 -13.37 1.26 2.20
CA ILE G 128 -12.17 0.47 1.87
C ILE G 128 -11.08 1.45 1.46
N ALA G 129 -9.90 1.32 2.06
CA ALA G 129 -8.81 2.24 1.80
C ALA G 129 -8.02 1.90 0.50
N PRO G 130 -7.31 2.91 -0.07
CA PRO G 130 -6.44 2.66 -1.21
C PRO G 130 -5.43 1.55 -1.07
N ASP G 131 -4.79 1.38 0.10
CA ASP G 131 -3.86 0.24 0.28
C ASP G 131 -4.58 -1.09 0.00
N GLN G 132 -5.77 -1.27 0.61
CA GLN G 132 -6.62 -2.45 0.38
C GLN G 132 -7.03 -2.57 -1.09
N TRP G 133 -7.54 -1.48 -1.66
CA TRP G 133 -7.95 -1.46 -3.07
C TRP G 133 -6.82 -1.96 -4.00
N SER G 134 -5.60 -1.41 -3.85
CA SER G 134 -4.45 -1.83 -4.67
C SER G 134 -4.14 -3.34 -4.50
N SER G 135 -4.29 -3.85 -3.28
CA SER G 135 -4.14 -5.29 -3.08
C SER G 135 -5.23 -6.09 -3.82
N LEU G 136 -6.50 -5.77 -3.58
CA LEU G 136 -7.64 -6.47 -4.22
C LEU G 136 -7.55 -6.55 -5.75
N LEU G 137 -7.32 -5.39 -6.36
CA LEU G 137 -7.42 -5.24 -7.81
C LEU G 137 -6.10 -5.48 -8.56
N TYR G 138 -4.96 -5.30 -7.88
CA TYR G 138 -3.65 -5.52 -8.54
C TYR G 138 -2.73 -6.55 -7.84
N GLY G 139 -3.07 -6.96 -6.60
CA GLY G 139 -2.19 -7.81 -5.81
C GLY G 139 -0.85 -7.21 -5.46
N ASP G 140 -0.77 -5.88 -5.37
CA ASP G 140 0.48 -5.24 -5.00
C ASP G 140 0.14 -3.92 -4.35
N GLN G 141 1.17 -3.16 -3.98
CA GLN G 141 0.96 -1.83 -3.40
C GLN G 141 1.40 -0.74 -4.37
N SER G 142 1.32 -1.01 -5.66
CA SER G 142 1.84 -0.15 -6.70
C SER G 142 0.77 0.75 -7.32
N HIS G 143 -0.49 0.58 -6.89
CA HIS G 143 -1.60 1.31 -7.45
C HIS G 143 -2.38 2.00 -6.35
N LYS G 144 -1.76 2.31 -5.22
CA LYS G 144 -2.46 3.03 -4.16
C LYS G 144 -2.94 4.37 -4.66
N SER G 145 -2.05 5.17 -5.25
CA SER G 145 -2.41 6.55 -5.59
C SER G 145 -3.37 6.60 -6.82
N HIS G 146 -3.21 5.67 -7.76
CA HIS G 146 -4.23 5.42 -8.80
C HIS G 146 -5.63 5.26 -8.19
N MET G 147 -5.74 4.40 -7.17
CA MET G 147 -7.03 4.11 -6.52
C MET G 147 -7.53 5.30 -5.70
N GLN G 148 -6.60 5.99 -5.03
CA GLN G 148 -6.92 7.22 -4.28
C GLN G 148 -7.54 8.27 -5.16
N SER G 149 -6.93 8.48 -6.31
CA SER G 149 -7.46 9.36 -7.35
C SER G 149 -8.89 9.01 -7.83
N ILE G 150 -9.14 7.72 -8.06
CA ILE G 150 -10.49 7.23 -8.38
C ILE G 150 -11.49 7.56 -7.29
N ILE G 151 -11.10 7.30 -6.06
CA ILE G 151 -11.98 7.53 -4.91
C ILE G 151 -12.34 9.02 -4.81
N ASP G 152 -11.33 9.89 -4.87
CA ASP G 152 -11.53 11.34 -4.73
C ASP G 152 -12.43 11.90 -5.84
N LYS G 153 -12.25 11.43 -7.05
CA LYS G 153 -13.15 11.86 -8.14
C LYS G 153 -14.60 11.45 -7.96
N LEU G 154 -14.84 10.34 -7.27
CA LEU G 154 -16.21 9.85 -7.05
C LEU G 154 -17.12 10.66 -6.08
N GLN G 155 -16.65 11.79 -5.51
CA GLN G 155 -17.53 12.78 -4.81
C GLN G 155 -18.27 13.69 -5.76
#